data_4EHS
#
_entry.id   4EHS
#
_cell.length_a   48.883
_cell.length_b   61.455
_cell.length_c   82.421
_cell.angle_alpha   90.00
_cell.angle_beta   90.00
_cell.angle_gamma   90.00
#
_symmetry.space_group_name_H-M   'P 21 21 21'
#
loop_
_entity.id
_entity.type
_entity.pdbx_description
1 polymer 'DNA primase'
2 non-polymer BETA-MERCAPTOETHANOL
3 water water
#
_entity_poly.entity_id   1
_entity_poly.type   'polypeptide(L)'
_entity_poly.pdbx_seq_one_letter_code
;ERVSFQPFYPKTEKPNRPQRFAHVSSAPSLEFLEKLVIRYLLEDRSLLDLAVGYIHSGVFLHKKQEFDALCQEKLDDPKL
VALLLDANLPLKKGGFEKELRLLILRYFERQLKEIPKSSLPFSEK(MSE)ICLKKARQAI(MSE)KLKQGELVAILEHHH
HHH
;
_entity_poly.pdbx_strand_id   A,B
#
# COMPACT_ATOMS: atom_id res chain seq x y z
N SER A 26 -12.51 -21.66 16.97
CA SER A 26 -11.20 -21.08 17.37
C SER A 26 -10.75 -19.88 16.52
N ALA A 27 -11.03 -19.91 15.21
CA ALA A 27 -10.99 -18.72 14.35
C ALA A 27 -11.56 -17.53 15.12
N PRO A 28 -10.75 -16.45 15.24
CA PRO A 28 -11.11 -15.34 16.10
C PRO A 28 -12.09 -14.40 15.46
N SER A 29 -12.74 -13.60 16.31
CA SER A 29 -13.56 -12.49 15.88
C SER A 29 -12.60 -11.41 15.31
N LEU A 30 -13.14 -10.51 14.47
CA LEU A 30 -12.26 -9.51 13.93
C LEU A 30 -11.80 -8.56 15.04
N GLU A 31 -12.66 -8.31 16.05
CA GLU A 31 -12.32 -7.34 17.06
C GLU A 31 -11.17 -7.95 17.88
N PHE A 32 -11.25 -9.25 18.16
CA PHE A 32 -10.18 -9.94 18.89
C PHE A 32 -8.88 -9.89 18.05
N LEU A 33 -8.99 -10.19 16.79
CA LEU A 33 -7.79 -10.17 15.94
C LEU A 33 -7.16 -8.77 15.85
N GLU A 34 -7.96 -7.72 15.75
CA GLU A 34 -7.39 -6.35 15.70
C GLU A 34 -6.66 -6.02 17.02
N LYS A 35 -7.28 -6.44 18.12
CA LYS A 35 -6.64 -6.24 19.44
C LYS A 35 -5.30 -6.94 19.53
N LEU A 36 -5.29 -8.16 19.02
CA LEU A 36 -4.11 -9.03 19.10
C LEU A 36 -2.98 -8.42 18.32
N VAL A 37 -3.31 -7.96 17.11
CA VAL A 37 -2.30 -7.41 16.21
C VAL A 37 -1.72 -6.16 16.89
N ILE A 38 -2.55 -5.27 17.44
CA ILE A 38 -2.07 -4.05 18.02
C ILE A 38 -1.25 -4.34 19.29
N ARG A 39 -1.73 -5.36 20.00
CA ARG A 39 -1.01 -5.73 21.27
C ARG A 39 0.47 -6.15 20.96
N TYR A 40 0.64 -6.93 19.89
CA TYR A 40 1.99 -7.27 19.42
C TYR A 40 2.79 -5.98 19.12
N LEU A 41 2.18 -5.05 18.38
CA LEU A 41 2.87 -3.74 18.09
C LEU A 41 3.19 -2.93 19.37
N LEU A 42 2.33 -3.01 20.37
CA LEU A 42 2.61 -2.33 21.63
C LEU A 42 3.80 -2.97 22.37
N GLU A 43 3.91 -4.29 22.30
CA GLU A 43 4.96 -4.99 23.06
C GLU A 43 6.30 -4.93 22.34
N ASP A 44 6.27 -4.83 20.99
CA ASP A 44 7.54 -4.84 20.27
C ASP A 44 7.42 -3.84 19.12
N ARG A 45 7.96 -2.64 19.32
CA ARG A 45 7.68 -1.55 18.35
C ARG A 45 8.38 -1.87 17.04
N SER A 46 9.34 -2.78 17.02
CA SER A 46 10.02 -3.20 15.72
C SER A 46 9.02 -3.88 14.80
N LEU A 47 7.99 -4.51 15.39
CA LEU A 47 6.87 -5.07 14.62
C LEU A 47 5.98 -3.98 13.96
N LEU A 48 5.85 -2.80 14.59
CA LEU A 48 5.15 -1.68 13.99
C LEU A 48 5.91 -1.30 12.70
N ASP A 49 7.25 -1.25 12.77
CA ASP A 49 8.04 -0.92 11.56
C ASP A 49 7.66 -1.82 10.38
N LEU A 50 7.57 -3.13 10.64
CA LEU A 50 7.15 -4.07 9.60
C LEU A 50 5.72 -3.77 9.17
N ALA A 51 4.82 -3.66 10.16
CA ALA A 51 3.38 -3.64 9.86
C ALA A 51 3.04 -2.41 9.01
N VAL A 52 3.73 -1.26 9.23
CA VAL A 52 3.32 -0.07 8.46
C VAL A 52 3.69 -0.18 6.96
N GLY A 53 4.46 -1.20 6.58
CA GLY A 53 4.68 -1.62 5.18
C GLY A 53 3.43 -2.18 4.51
N TYR A 54 2.42 -2.59 5.32
CA TYR A 54 1.31 -3.44 4.77
C TYR A 54 -0.07 -2.92 5.19
N ILE A 55 -0.17 -2.30 6.36
CA ILE A 55 -1.45 -1.87 6.83
C ILE A 55 -1.40 -0.40 7.20
N HIS A 56 -2.56 0.16 7.21
CA HIS A 56 -2.76 1.49 7.74
C HIS A 56 -4.01 1.52 8.59
N SER A 57 -4.25 2.69 9.19
CA SER A 57 -5.36 2.92 10.06
C SER A 57 -6.73 2.49 9.49
N GLY A 58 -7.01 2.79 8.21
CA GLY A 58 -8.24 2.35 7.50
C GLY A 58 -8.61 0.88 7.51
N VAL A 59 -7.63 0.02 7.78
CA VAL A 59 -7.81 -1.41 7.73
C VAL A 59 -8.68 -1.85 8.91
N PHE A 60 -8.52 -1.13 10.01
CA PHE A 60 -9.20 -1.49 11.30
C PHE A 60 -10.64 -1.03 11.33
N LEU A 61 -11.54 -1.95 11.64
CA LEU A 61 -12.97 -1.65 11.81
C LEU A 61 -13.38 -1.49 13.27
N HIS A 62 -12.51 -1.90 14.19
CA HIS A 62 -12.86 -1.88 15.63
C HIS A 62 -11.94 -1.13 16.46
N LYS A 63 -10.65 -1.07 16.08
CA LYS A 63 -9.62 -0.57 16.98
C LYS A 63 -8.77 0.51 16.26
N LYS A 64 -9.46 1.29 15.43
CA LYS A 64 -8.76 2.30 14.68
C LYS A 64 -8.14 3.34 15.61
N GLN A 65 -8.86 3.75 16.66
CA GLN A 65 -8.34 4.79 17.54
C GLN A 65 -7.07 4.32 18.26
N GLU A 66 -7.06 3.06 18.72
CA GLU A 66 -5.88 2.46 19.33
C GLU A 66 -4.68 2.48 18.38
N PHE A 67 -4.89 2.02 17.15
CA PHE A 67 -3.78 2.01 16.17
C PHE A 67 -3.26 3.46 15.93
N ASP A 68 -4.22 4.38 15.74
CA ASP A 68 -3.82 5.77 15.55
C ASP A 68 -2.96 6.28 16.72
N ALA A 69 -3.38 6.03 17.95
CA ALA A 69 -2.66 6.53 19.10
C ALA A 69 -1.27 5.93 19.18
N LEU A 70 -1.16 4.65 18.83
CA LEU A 70 0.11 3.94 18.85
C LEU A 70 1.06 4.48 17.78
N CYS A 71 0.50 5.06 16.73
CA CYS A 71 1.29 5.60 15.65
C CYS A 71 1.84 6.94 16.06
N GLN A 72 1.07 7.69 16.84
CA GLN A 72 1.50 9.01 17.30
C GLN A 72 2.10 8.93 18.70
N GLU A 73 2.63 7.77 19.06
CA GLU A 73 3.23 7.57 20.36
C GLU A 73 2.45 8.25 21.46
N LYS A 74 1.13 8.21 21.40
CA LYS A 74 0.36 8.73 22.52
C LYS A 74 0.22 7.56 23.46
N LEU A 75 1.35 7.15 24.06
CA LEU A 75 1.39 5.94 24.87
C LEU A 75 0.66 6.02 26.23
N ASP A 76 0.18 7.21 26.62
CA ASP A 76 -0.77 7.28 27.77
C ASP A 76 -2.26 7.42 27.37
N ASP A 77 -2.57 7.25 26.08
CA ASP A 77 -3.95 7.32 25.63
C ASP A 77 -4.75 6.22 26.35
N PRO A 78 -5.86 6.58 27.00
CA PRO A 78 -6.64 5.57 27.80
C PRO A 78 -7.01 4.23 27.06
N LYS A 79 -7.38 4.30 25.79
CA LYS A 79 -7.67 3.11 24.98
C LYS A 79 -6.47 2.21 24.79
N LEU A 80 -5.32 2.83 24.54
CA LEU A 80 -4.06 2.11 24.27
C LEU A 80 -3.54 1.53 25.56
N VAL A 81 -3.64 2.28 26.64
CA VAL A 81 -3.29 1.76 27.96
C VAL A 81 -4.13 0.50 28.28
N ALA A 82 -5.43 0.58 28.02
CA ALA A 82 -6.30 -0.53 28.37
C ALA A 82 -5.95 -1.77 27.53
N LEU A 83 -5.62 -1.54 26.26
CA LEU A 83 -5.26 -2.66 25.44
C LEU A 83 -3.90 -3.27 25.91
N LEU A 84 -2.96 -2.42 26.34
CA LEU A 84 -1.64 -2.87 26.72
C LEU A 84 -1.75 -3.70 28.01
N LEU A 85 -2.81 -3.40 28.76
CA LEU A 85 -3.11 -4.00 30.06
C LEU A 85 -4.05 -5.23 30.03
N ASP A 86 -4.87 -5.35 28.99
CA ASP A 86 -5.76 -6.50 28.75
C ASP A 86 -5.07 -7.84 29.08
N ALA A 87 -5.71 -8.61 29.96
CA ALA A 87 -5.12 -9.89 30.40
C ALA A 87 -5.38 -11.11 29.48
N ASN A 88 -6.16 -10.93 28.41
CA ASN A 88 -6.64 -12.00 27.52
C ASN A 88 -6.16 -11.97 26.05
N LEU A 89 -4.93 -11.52 25.86
CA LEU A 89 -4.37 -11.45 24.52
C LEU A 89 -3.04 -12.18 24.51
N PRO A 90 -3.07 -13.45 24.21
CA PRO A 90 -1.85 -14.21 24.38
C PRO A 90 -0.85 -14.01 23.21
N LEU A 91 0.30 -13.44 23.50
CA LEU A 91 1.33 -13.25 22.47
C LEU A 91 2.29 -14.45 22.50
N LYS A 92 2.91 -14.77 21.38
CA LYS A 92 3.89 -15.85 21.37
C LYS A 92 5.07 -15.40 20.54
N LYS A 93 6.25 -15.93 20.89
CA LYS A 93 7.44 -15.76 20.08
C LYS A 93 7.10 -16.28 18.66
N GLY A 94 7.38 -15.45 17.66
CA GLY A 94 7.22 -15.82 16.25
C GLY A 94 5.78 -15.86 15.78
N GLY A 95 4.84 -15.36 16.56
CA GLY A 95 3.45 -15.50 16.23
C GLY A 95 2.83 -14.30 15.54
N PHE A 96 3.54 -13.15 15.50
CA PHE A 96 2.96 -11.89 14.97
C PHE A 96 2.56 -11.98 13.47
N GLU A 97 3.50 -12.44 12.64
CA GLU A 97 3.23 -12.40 11.23
C GLU A 97 2.03 -13.23 10.80
N LYS A 98 1.77 -14.35 11.44
CA LYS A 98 0.56 -15.12 11.11
C LYS A 98 -0.72 -14.33 11.44
N GLU A 99 -0.74 -13.57 12.54
CA GLU A 99 -1.94 -12.79 12.86
C GLU A 99 -2.00 -11.58 11.95
N LEU A 100 -0.86 -10.98 11.57
CA LEU A 100 -0.94 -9.84 10.62
C LEU A 100 -1.49 -10.38 9.26
N ARG A 101 -1.00 -11.53 8.86
CA ARG A 101 -1.44 -12.09 7.59
C ARG A 101 -2.97 -12.38 7.63
N LEU A 102 -3.46 -12.86 8.76
CA LEU A 102 -4.90 -13.15 8.83
C LEU A 102 -5.74 -11.89 8.81
N LEU A 103 -5.27 -10.80 9.46
CA LEU A 103 -5.97 -9.56 9.40
C LEU A 103 -6.07 -9.05 7.95
N ILE A 104 -4.93 -9.11 7.25
CA ILE A 104 -4.93 -8.68 5.85
C ILE A 104 -5.80 -9.56 4.99
N LEU A 105 -5.67 -10.88 5.14
CA LEU A 105 -6.54 -11.86 4.42
C LEU A 105 -8.01 -11.53 4.63
N ARG A 106 -8.43 -11.34 5.88
CA ARG A 106 -9.79 -10.83 6.12
C ARG A 106 -10.22 -9.58 5.39
N TYR A 107 -9.34 -8.59 5.36
CA TYR A 107 -9.61 -7.37 4.59
C TYR A 107 -9.90 -7.72 3.11
N PHE A 108 -9.06 -8.51 2.50
CA PHE A 108 -9.26 -8.84 1.07
C PHE A 108 -10.48 -9.76 0.83
N GLU A 109 -10.79 -10.63 1.80
CA GLU A 109 -12.02 -11.42 1.66
C GLU A 109 -13.24 -10.51 1.66
N ARG A 110 -13.28 -9.51 2.55
CA ARG A 110 -14.31 -8.51 2.52
C ARG A 110 -14.36 -7.74 1.18
N GLN A 111 -13.19 -7.40 0.63
CA GLN A 111 -13.15 -6.72 -0.65
C GLN A 111 -13.88 -7.50 -1.72
N LEU A 112 -13.66 -8.80 -1.77
CA LEU A 112 -14.30 -9.68 -2.73
C LEU A 112 -15.82 -9.51 -2.65
N LYS A 113 -16.38 -9.39 -1.45
CA LYS A 113 -17.84 -9.09 -1.33
C LYS A 113 -18.27 -7.67 -1.66
N GLU A 114 -17.46 -6.70 -1.24
CA GLU A 114 -17.85 -5.32 -1.31
C GLU A 114 -17.68 -4.67 -2.69
N ILE A 115 -16.62 -5.04 -3.40
CA ILE A 115 -16.32 -4.45 -4.70
C ILE A 115 -17.52 -4.59 -5.68
N PRO A 116 -18.08 -5.79 -5.78
CA PRO A 116 -19.22 -5.83 -6.80
C PRO A 116 -20.40 -4.91 -6.46
N LYS A 117 -20.60 -4.64 -5.17
CA LYS A 117 -21.61 -3.73 -4.65
C LYS A 117 -21.24 -2.27 -4.75
N SER A 118 -19.98 -1.98 -5.06
CA SER A 118 -19.52 -0.58 -5.04
C SER A 118 -19.92 0.28 -6.25
N SER A 119 -19.60 1.58 -6.21
CA SER A 119 -19.87 2.51 -7.30
C SER A 119 -18.75 2.56 -8.32
N LEU A 120 -17.68 1.80 -8.10
CA LEU A 120 -16.47 1.89 -8.96
C LEU A 120 -16.78 1.60 -10.41
N PRO A 121 -16.11 2.34 -11.32
CA PRO A 121 -16.25 2.07 -12.73
C PRO A 121 -16.07 0.55 -12.96
N PHE A 122 -16.78 0.02 -13.92
CA PHE A 122 -16.65 -1.38 -14.27
C PHE A 122 -15.21 -1.91 -14.35
N SER A 123 -14.35 -1.18 -15.06
CA SER A 123 -12.99 -1.71 -15.30
C SER A 123 -12.20 -1.72 -13.99
N GLU A 124 -12.54 -0.81 -13.08
CA GLU A 124 -11.87 -0.78 -11.78
C GLU A 124 -12.38 -1.87 -10.84
N LYS A 125 -13.69 -2.20 -10.89
CA LYS A 125 -14.16 -3.40 -10.17
C LYS A 125 -13.37 -4.59 -10.66
N ILE A 127 -10.34 -4.78 -12.01
CA ILE A 127 -8.95 -4.72 -11.56
C ILE A 127 -8.81 -5.06 -10.08
N CYS A 128 -9.72 -4.55 -9.31
CA CYS A 128 -9.70 -4.67 -7.90
C CYS A 128 -10.10 -6.05 -7.46
N LEU A 129 -11.03 -6.67 -8.14
CA LEU A 129 -11.34 -8.06 -7.82
C LEU A 129 -10.14 -8.95 -8.08
N LYS A 130 -9.50 -8.72 -9.22
CA LYS A 130 -8.37 -9.56 -9.57
C LYS A 130 -7.23 -9.41 -8.54
N LYS A 131 -6.99 -8.16 -8.12
CA LYS A 131 -5.99 -7.87 -7.10
C LYS A 131 -6.33 -8.50 -5.77
N ALA A 132 -7.60 -8.44 -5.35
CA ALA A 132 -7.97 -9.09 -4.07
C ALA A 132 -7.80 -10.59 -4.13
N ARG A 133 -8.20 -11.23 -5.25
CA ARG A 133 -8.01 -12.69 -5.39
C ARG A 133 -6.54 -13.10 -5.36
N GLN A 134 -5.74 -12.30 -6.05
CA GLN A 134 -4.34 -12.56 -6.12
C GLN A 134 -3.77 -12.45 -4.70
N ALA A 135 -4.17 -11.39 -4.01
CA ALA A 135 -3.64 -11.18 -2.62
C ALA A 135 -3.98 -12.35 -1.69
N ILE A 136 -5.23 -12.81 -1.79
CA ILE A 136 -5.73 -13.93 -0.98
C ILE A 136 -4.88 -15.17 -1.29
N LYS A 138 -1.70 -15.31 -2.43
CA LYS A 138 -0.40 -15.06 -1.81
C LYS A 138 -0.44 -15.17 -0.31
N LEU A 139 -1.45 -14.60 0.33
CA LEU A 139 -1.52 -14.62 1.78
C LEU A 139 -1.56 -16.07 2.21
N LYS A 140 -2.36 -16.86 1.53
CA LYS A 140 -2.42 -18.27 1.90
C LYS A 140 -1.13 -18.98 1.54
N GLN A 141 -0.38 -18.50 0.55
CA GLN A 141 0.94 -19.11 0.31
C GLN A 141 1.94 -18.66 1.41
N GLY A 142 1.46 -17.91 2.41
CA GLY A 142 2.32 -17.35 3.46
C GLY A 142 3.02 -16.00 3.22
N GLU A 143 2.69 -15.27 2.14
CA GLU A 143 3.34 -14.00 1.83
C GLU A 143 2.52 -12.85 2.39
N LEU A 144 3.17 -11.79 2.89
CA LEU A 144 2.44 -10.61 3.28
C LEU A 144 2.17 -9.80 2.00
N VAL A 145 1.05 -9.09 1.99
CA VAL A 145 0.68 -8.28 0.81
C VAL A 145 0.15 -6.99 1.40
N ALA A 146 0.55 -5.86 0.82
CA ALA A 146 0.13 -4.52 1.26
C ALA A 146 -1.30 -4.20 0.87
N ILE A 147 -2.02 -3.51 1.75
CA ILE A 147 -3.31 -2.87 1.41
C ILE A 147 -3.12 -1.39 1.02
N LEU A 148 -3.14 -1.06 -0.26
CA LEU A 148 -2.92 0.38 -0.65
C LEU A 148 -4.13 1.28 -0.35
N GLU A 149 -5.28 0.87 -0.87
CA GLU A 149 -6.52 1.66 -1.01
C GLU A 149 -7.44 1.67 0.22
N ALA B 27 18.68 11.32 -14.19
CA ALA B 27 18.78 11.41 -15.68
C ALA B 27 17.40 11.65 -16.36
N PRO B 28 16.36 10.80 -16.06
CA PRO B 28 15.06 11.15 -16.65
C PRO B 28 14.24 12.06 -15.74
N SER B 29 13.57 13.06 -16.31
CA SER B 29 12.68 13.92 -15.57
C SER B 29 11.57 13.05 -15.06
N LEU B 30 10.94 13.50 -13.98
CA LEU B 30 9.84 12.75 -13.41
C LEU B 30 8.70 12.63 -14.45
N GLU B 31 8.41 13.72 -15.17
CA GLU B 31 7.31 13.67 -16.13
C GLU B 31 7.60 12.58 -17.22
N PHE B 32 8.83 12.45 -17.67
CA PHE B 32 9.12 11.45 -18.67
C PHE B 32 8.95 9.99 -18.11
N LEU B 33 9.49 9.75 -16.93
CA LEU B 33 9.36 8.47 -16.24
C LEU B 33 7.88 8.11 -16.06
N GLU B 34 7.05 9.09 -15.66
CA GLU B 34 5.63 8.82 -15.47
C GLU B 34 5.01 8.41 -16.78
N LYS B 35 5.30 9.16 -17.86
CA LYS B 35 4.68 8.78 -19.17
C LYS B 35 5.15 7.39 -19.57
N LEU B 36 6.44 7.10 -19.38
CA LEU B 36 7.00 5.79 -19.77
C LEU B 36 6.34 4.61 -19.01
N VAL B 37 6.21 4.77 -17.69
CA VAL B 37 5.45 3.82 -16.88
C VAL B 37 4.01 3.60 -17.42
N ILE B 38 3.27 4.66 -17.74
CA ILE B 38 1.88 4.54 -18.22
C ILE B 38 1.84 3.88 -19.62
N ARG B 39 2.84 4.19 -20.45
CA ARG B 39 2.85 3.62 -21.79
C ARG B 39 3.04 2.14 -21.72
N TYR B 40 3.90 1.63 -20.82
CA TYR B 40 3.96 0.16 -20.59
C TYR B 40 2.61 -0.41 -20.22
N LEU B 41 1.89 0.26 -19.31
CA LEU B 41 0.58 -0.22 -18.85
C LEU B 41 -0.46 -0.18 -19.98
N LEU B 42 -0.32 0.77 -20.87
CA LEU B 42 -1.24 0.96 -21.98
C LEU B 42 -1.02 -0.16 -23.00
N GLU B 43 0.23 -0.60 -23.18
CA GLU B 43 0.59 -1.62 -24.22
C GLU B 43 0.37 -3.04 -23.70
N ASP B 44 0.34 -3.20 -22.38
CA ASP B 44 0.12 -4.50 -21.80
C ASP B 44 -0.59 -4.44 -20.45
N ARG B 45 -1.90 -4.70 -20.41
CA ARG B 45 -2.66 -4.65 -19.14
C ARG B 45 -2.27 -5.56 -18.02
N SER B 46 -1.63 -6.68 -18.33
CA SER B 46 -1.09 -7.50 -17.28
C SER B 46 -0.04 -6.72 -16.44
N LEU B 47 0.58 -5.71 -17.04
CA LEU B 47 1.51 -4.90 -16.24
C LEU B 47 0.75 -4.01 -15.22
N LEU B 48 -0.47 -3.63 -15.60
CA LEU B 48 -1.32 -2.86 -14.68
C LEU B 48 -1.65 -3.73 -13.50
N ASP B 49 -1.97 -5.00 -13.75
CA ASP B 49 -2.24 -5.91 -12.65
C ASP B 49 -1.06 -5.91 -11.63
N LEU B 50 0.16 -5.96 -12.14
CA LEU B 50 1.33 -5.89 -11.26
C LEU B 50 1.39 -4.52 -10.57
N ALA B 51 1.29 -3.45 -11.35
CA ALA B 51 1.47 -2.04 -10.80
C ALA B 51 0.53 -1.67 -9.65
N VAL B 52 -0.73 -2.07 -9.73
CA VAL B 52 -1.70 -1.65 -8.74
C VAL B 52 -1.45 -2.34 -7.39
N GLY B 53 -0.55 -3.32 -7.33
CA GLY B 53 -0.07 -3.87 -6.04
C GLY B 53 0.79 -2.84 -5.29
N TYR B 54 1.29 -1.87 -6.03
CA TYR B 54 2.34 -0.96 -5.45
C TYR B 54 2.05 0.51 -5.54
N ILE B 55 1.40 0.95 -6.61
CA ILE B 55 1.21 2.38 -6.84
C ILE B 55 -0.29 2.68 -7.01
N HIS B 56 -0.63 3.96 -6.93
CA HIS B 56 -2.04 4.45 -7.06
C HIS B 56 -1.93 5.83 -7.68
N SER B 57 -3.06 6.47 -8.06
CA SER B 57 -2.97 7.71 -8.86
C SER B 57 -2.23 8.76 -8.08
N GLY B 58 -2.29 8.69 -6.74
CA GLY B 58 -1.68 9.70 -5.89
C GLY B 58 -0.16 9.77 -6.03
N VAL B 59 0.47 8.69 -6.50
CA VAL B 59 1.89 8.64 -6.81
C VAL B 59 2.29 9.62 -7.94
N PHE B 60 1.37 9.87 -8.87
CA PHE B 60 1.72 10.64 -10.08
C PHE B 60 1.65 12.18 -9.84
N LEU B 61 2.69 12.90 -10.26
CA LEU B 61 2.71 14.39 -10.16
C LEU B 61 2.36 15.07 -11.46
N HIS B 62 2.54 14.37 -12.56
CA HIS B 62 2.38 14.98 -13.87
C HIS B 62 1.33 14.31 -14.70
N LYS B 63 1.15 13.03 -14.46
CA LYS B 63 0.36 12.17 -15.40
C LYS B 63 -0.76 11.48 -14.64
N LYS B 64 -1.25 12.16 -13.59
CA LYS B 64 -2.35 11.59 -12.86
C LYS B 64 -3.64 11.36 -13.73
N GLN B 65 -4.01 12.34 -14.55
CA GLN B 65 -5.26 12.19 -15.31
C GLN B 65 -5.15 10.98 -16.23
N GLU B 66 -3.97 10.82 -16.86
CA GLU B 66 -3.73 9.69 -17.78
C GLU B 66 -3.82 8.33 -17.06
N PHE B 67 -3.21 8.22 -15.87
CA PHE B 67 -3.28 7.00 -15.13
C PHE B 67 -4.74 6.70 -14.77
N ASP B 68 -5.46 7.70 -14.31
CA ASP B 68 -6.85 7.51 -13.92
C ASP B 68 -7.69 7.09 -15.13
N ALA B 69 -7.43 7.69 -16.27
CA ALA B 69 -8.15 7.31 -17.52
C ALA B 69 -7.87 5.86 -17.86
N LEU B 70 -6.59 5.43 -17.75
CA LEU B 70 -6.28 4.06 -18.06
C LEU B 70 -7.00 3.13 -17.11
N CYS B 71 -7.00 3.45 -15.82
CA CYS B 71 -7.72 2.56 -14.86
C CYS B 71 -9.19 2.48 -15.18
N GLN B 72 -9.73 3.58 -15.64
CA GLN B 72 -11.19 3.67 -15.97
C GLN B 72 -11.52 3.14 -17.38
N GLU B 73 -10.50 2.68 -18.08
CA GLU B 73 -10.65 2.22 -19.46
C GLU B 73 -11.27 3.32 -20.32
N LYS B 74 -10.95 4.58 -20.04
CA LYS B 74 -11.39 5.70 -20.87
C LYS B 74 -10.31 5.85 -21.97
N LEU B 75 -10.30 4.92 -22.94
CA LEU B 75 -9.19 4.86 -23.88
C LEU B 75 -9.23 6.00 -24.93
N ASP B 76 -10.31 6.79 -24.94
CA ASP B 76 -10.39 7.95 -25.83
C ASP B 76 -10.16 9.24 -25.04
N ASP B 77 -9.77 9.12 -23.78
CA ASP B 77 -9.34 10.31 -23.06
C ASP B 77 -8.20 10.98 -23.83
N PRO B 78 -8.34 12.29 -24.10
CA PRO B 78 -7.41 12.93 -25.06
C PRO B 78 -5.93 12.95 -24.57
N LYS B 79 -5.74 13.05 -23.26
CA LYS B 79 -4.38 12.96 -22.71
C LYS B 79 -3.83 11.54 -22.79
N LEU B 80 -4.68 10.56 -22.44
CA LEU B 80 -4.28 9.14 -22.61
C LEU B 80 -3.91 8.79 -24.05
N VAL B 81 -4.67 9.33 -25.00
CA VAL B 81 -4.38 9.08 -26.39
C VAL B 81 -3.11 9.75 -26.85
N ALA B 82 -2.89 11.00 -26.42
CA ALA B 82 -1.62 11.62 -26.68
C ALA B 82 -0.42 10.74 -26.21
N LEU B 83 -0.60 10.13 -25.05
CA LEU B 83 0.47 9.27 -24.53
C LEU B 83 0.62 8.00 -25.37
N LEU B 84 -0.53 7.38 -25.74
CA LEU B 84 -0.54 6.20 -26.57
C LEU B 84 0.24 6.44 -27.88
N LEU B 85 0.07 7.64 -28.41
CA LEU B 85 0.60 7.98 -29.70
C LEU B 85 2.00 8.63 -29.63
N ASP B 86 2.51 8.83 -28.40
CA ASP B 86 3.81 9.53 -28.25
C ASP B 86 4.86 8.70 -28.96
N ALA B 87 5.62 9.32 -29.83
CA ALA B 87 6.62 8.56 -30.61
C ALA B 87 7.96 8.33 -29.89
N ASN B 88 8.13 8.95 -28.73
CA ASN B 88 9.41 8.94 -28.00
C ASN B 88 9.43 8.14 -26.68
N LEU B 89 8.61 7.09 -26.63
CA LEU B 89 8.59 6.25 -25.42
C LEU B 89 8.85 4.79 -25.78
N PRO B 90 10.01 4.44 -26.45
CA PRO B 90 10.25 3.03 -26.82
C PRO B 90 10.29 2.13 -25.56
N LEU B 91 9.60 1.00 -25.60
CA LEU B 91 9.52 0.08 -24.47
C LEU B 91 10.57 -1.01 -24.70
N LYS B 92 11.09 -1.56 -23.62
CA LYS B 92 12.07 -2.65 -23.71
C LYS B 92 11.42 -3.87 -23.16
N LYS B 93 11.65 -5.02 -23.81
CA LYS B 93 11.05 -6.25 -23.32
C LYS B 93 11.64 -6.53 -21.95
N GLY B 94 10.76 -6.79 -20.98
CA GLY B 94 11.23 -6.99 -19.59
C GLY B 94 11.73 -5.73 -18.91
N GLY B 95 11.48 -4.55 -19.49
CA GLY B 95 12.05 -3.33 -18.92
C GLY B 95 11.10 -2.68 -17.90
N PHE B 96 9.86 -3.20 -17.78
CA PHE B 96 8.86 -2.45 -16.99
C PHE B 96 9.24 -2.33 -15.53
N GLU B 97 9.61 -3.44 -14.93
CA GLU B 97 9.78 -3.37 -13.49
C GLU B 97 10.91 -2.41 -13.10
N LYS B 98 11.93 -2.24 -13.96
CA LYS B 98 12.98 -1.33 -13.67
C LYS B 98 12.38 0.09 -13.55
N GLU B 99 11.48 0.43 -14.46
CA GLU B 99 10.92 1.81 -14.51
C GLU B 99 9.92 1.98 -13.38
N LEU B 100 9.10 0.97 -13.11
CA LEU B 100 8.22 1.03 -11.91
C LEU B 100 9.02 1.19 -10.61
N ARG B 101 10.08 0.44 -10.47
CA ARG B 101 10.92 0.57 -9.26
C ARG B 101 11.54 1.96 -9.13
N LEU B 102 12.04 2.51 -10.23
CA LEU B 102 12.57 3.84 -10.20
C LEU B 102 11.45 4.85 -9.81
N LEU B 103 10.22 4.65 -10.30
CA LEU B 103 9.16 5.61 -10.00
C LEU B 103 8.87 5.53 -8.48
N ILE B 104 8.86 4.31 -7.92
CA ILE B 104 8.63 4.17 -6.46
C ILE B 104 9.80 4.75 -5.67
N LEU B 105 11.05 4.49 -6.11
CA LEU B 105 12.24 5.03 -5.45
C LEU B 105 12.14 6.55 -5.39
N ARG B 106 11.78 7.18 -6.52
CA ARG B 106 11.68 8.63 -6.54
C ARG B 106 10.61 9.17 -5.60
N TYR B 107 9.49 8.44 -5.45
CA TYR B 107 8.43 8.82 -4.52
C TYR B 107 9.01 8.83 -3.09
N PHE B 108 9.72 7.77 -2.72
CA PHE B 108 10.25 7.70 -1.33
C PHE B 108 11.41 8.67 -1.09
N GLU B 109 12.22 8.90 -2.12
CA GLU B 109 13.25 10.00 -2.03
C GLU B 109 12.60 11.38 -1.80
N ARG B 110 11.46 11.64 -2.44
CA ARG B 110 10.72 12.87 -2.19
C ARG B 110 10.16 12.88 -0.79
N GLN B 111 9.71 11.73 -0.24
CA GLN B 111 9.16 11.75 1.10
C GLN B 111 10.27 12.20 2.10
N LEU B 112 11.50 11.77 1.85
CA LEU B 112 12.63 12.15 2.74
C LEU B 112 12.72 13.66 2.77
N LYS B 113 12.44 14.30 1.66
CA LYS B 113 12.55 15.80 1.59
C LYS B 113 11.31 16.50 2.08
N GLU B 114 10.13 15.93 1.85
CA GLU B 114 8.92 16.68 2.08
C GLU B 114 8.32 16.41 3.46
N ILE B 115 8.41 15.14 3.97
CA ILE B 115 7.88 14.80 5.30
C ILE B 115 8.39 15.76 6.39
N PRO B 116 9.67 16.09 6.37
CA PRO B 116 10.14 16.99 7.49
C PRO B 116 9.52 18.39 7.45
N LYS B 117 9.07 18.79 6.28
CA LYS B 117 8.50 20.14 6.12
C LYS B 117 7.00 20.15 6.34
N SER B 118 6.40 18.99 6.52
CA SER B 118 4.96 18.82 6.80
C SER B 118 4.51 19.24 8.21
N SER B 119 3.17 19.32 8.36
CA SER B 119 2.60 19.56 9.68
C SER B 119 2.46 18.34 10.56
N LEU B 120 2.84 17.13 10.10
CA LEU B 120 2.74 15.93 10.91
C LEU B 120 3.42 16.13 12.26
N PRO B 121 2.79 15.64 13.35
CA PRO B 121 3.50 15.66 14.63
C PRO B 121 4.81 14.85 14.53
N PHE B 122 5.78 15.28 15.33
CA PHE B 122 7.10 14.66 15.33
C PHE B 122 7.11 13.16 15.28
N SER B 123 6.32 12.47 16.13
CA SER B 123 6.38 11.04 16.12
C SER B 123 5.94 10.46 14.81
N GLU B 124 5.02 11.11 14.14
CA GLU B 124 4.56 10.59 12.88
C GLU B 124 5.59 10.81 11.75
N LYS B 125 6.23 11.97 11.76
CA LYS B 125 7.38 12.25 10.86
C LYS B 125 8.39 11.13 11.04
N ILE B 127 8.04 8.00 12.08
CA ILE B 127 7.58 6.71 11.54
C ILE B 127 7.61 6.71 9.99
N CYS B 128 7.13 7.80 9.41
CA CYS B 128 7.09 7.92 7.96
C CYS B 128 8.48 7.94 7.36
N LEU B 129 9.42 8.63 7.97
CA LEU B 129 10.76 8.69 7.44
C LEU B 129 11.44 7.36 7.60
N LYS B 130 11.17 6.65 8.69
CA LYS B 130 11.82 5.34 8.84
C LYS B 130 11.26 4.41 7.75
N LYS B 131 9.95 4.50 7.51
CA LYS B 131 9.28 3.71 6.45
C LYS B 131 9.97 4.04 5.13
N ALA B 132 10.19 5.33 4.85
CA ALA B 132 10.86 5.67 3.59
C ALA B 132 12.30 5.15 3.49
N ARG B 133 13.11 5.31 4.54
CA ARG B 133 14.45 4.80 4.49
C ARG B 133 14.51 3.28 4.24
N GLN B 134 13.61 2.57 4.87
CA GLN B 134 13.48 1.09 4.82
C GLN B 134 13.01 0.71 3.41
N ALA B 135 12.03 1.43 2.90
CA ALA B 135 11.56 1.22 1.50
C ALA B 135 12.73 1.41 0.50
N ILE B 136 13.52 2.48 0.67
CA ILE B 136 14.59 2.78 -0.25
C ILE B 136 15.68 1.65 -0.26
N LYS B 138 15.11 -1.52 0.45
CA LYS B 138 14.58 -2.68 -0.26
C LYS B 138 14.61 -2.44 -1.78
N LEU B 139 14.11 -1.28 -2.20
CA LEU B 139 14.16 -0.87 -3.63
C LEU B 139 15.51 -0.98 -4.28
N LYS B 140 16.54 -0.53 -3.57
CA LYS B 140 17.90 -0.64 -4.09
C LYS B 140 18.39 -2.10 -4.18
N GLN B 141 17.74 -3.02 -3.50
CA GLN B 141 18.07 -4.42 -3.64
C GLN B 141 17.21 -5.11 -4.70
N GLY B 142 16.33 -4.35 -5.35
CA GLY B 142 15.51 -4.86 -6.46
C GLY B 142 14.09 -5.16 -6.12
N GLU B 143 13.71 -5.08 -4.85
CA GLU B 143 12.36 -5.35 -4.50
C GLU B 143 11.43 -4.20 -4.87
N LEU B 144 10.16 -4.48 -5.14
CA LEU B 144 9.14 -3.43 -5.22
C LEU B 144 8.58 -3.28 -3.84
N VAL B 145 8.23 -2.04 -3.48
CA VAL B 145 7.63 -1.75 -2.17
C VAL B 145 6.35 -1.01 -2.46
N ALA B 146 5.26 -1.37 -1.77
CA ALA B 146 4.00 -0.62 -1.89
C ALA B 146 3.99 0.77 -1.31
N ILE B 147 3.40 1.68 -2.05
CA ILE B 147 3.14 3.02 -1.54
C ILE B 147 1.76 3.01 -0.91
N LEU B 148 1.79 2.97 0.43
CA LEU B 148 0.61 3.06 1.29
C LEU B 148 0.79 4.40 2.00
#